data_4EGU
#
_entry.id   4EGU
#
_cell.length_a   38.065
_cell.length_b   65.848
_cell.length_c   89.041
_cell.angle_alpha   90.00
_cell.angle_beta   90.00
_cell.angle_gamma   90.00
#
_symmetry.space_group_name_H-M   'P 21 21 21'
#
loop_
_entity.id
_entity.type
_entity.pdbx_description
1 polymer 'histidine triad (HIT) protein'
2 non-polymer "GUANOSINE-5'-MONOPHOSPHATE"
3 non-polymer 'ZINC ION'
4 non-polymer 'POTASSIUM ION'
5 water water
#
_entity_poly.entity_id   1
_entity_poly.type   'polypeptide(L)'
_entity_poly.pdbx_seq_one_letter_code
;MERMDCIFCKIANGEIPSTKVYEDDRVLAFNDLNPVAPYHILVVPKKHYDSLIDIPDKEMDIVSHIHVVINKIAKEKGFD
QTGFRVINNCGSDGGQEVKHLHYHILAGKKLPNYEAGQN
;
_entity_poly.pdbx_strand_id   A,B
#
# COMPACT_ATOMS: atom_id res chain seq x y z
N GLU A 2 10.69 -13.74 15.64
CA GLU A 2 10.44 -14.90 14.79
C GLU A 2 9.31 -15.75 15.35
N ARG A 3 8.58 -16.40 14.44
CA ARG A 3 7.48 -17.27 14.82
C ARG A 3 7.65 -18.64 14.15
N MET A 4 7.57 -19.70 14.93
CA MET A 4 7.71 -21.05 14.42
C MET A 4 6.72 -21.39 13.30
N ASP A 5 5.48 -20.92 13.44
CA ASP A 5 4.42 -21.29 12.52
C ASP A 5 4.29 -20.30 11.37
N CYS A 6 5.27 -19.40 11.22
CA CYS A 6 5.19 -18.34 10.23
C CYS A 6 5.99 -18.67 8.98
N ILE A 7 5.30 -18.88 7.87
CA ILE A 7 5.92 -19.22 6.61
C ILE A 7 6.90 -18.10 6.21
N PHE A 8 6.53 -16.85 6.40
CA PHE A 8 7.39 -15.75 5.93
C PHE A 8 8.63 -15.56 6.81
N CYS A 9 8.57 -15.86 8.10
CA CYS A 9 9.79 -15.88 8.90
C CYS A 9 10.75 -16.93 8.35
N LYS A 10 10.23 -18.09 7.97
CA LYS A 10 11.06 -19.17 7.45
C LYS A 10 11.62 -18.82 6.06
N ILE A 11 10.83 -18.13 5.24
CA ILE A 11 11.31 -17.66 3.94
C ILE A 11 12.38 -16.55 4.16
N ALA A 12 12.13 -15.62 5.09
CA ALA A 12 13.06 -14.50 5.35
C ALA A 12 14.41 -14.91 5.94
N ASN A 13 14.44 -15.90 6.81
CA ASN A 13 15.69 -16.34 7.43
C ASN A 13 16.36 -17.45 6.62
N GLY A 14 15.79 -17.73 5.45
CA GLY A 14 16.38 -18.68 4.51
C GLY A 14 16.20 -20.15 4.88
N GLU A 15 15.23 -20.45 5.74
CA GLU A 15 14.96 -21.84 6.14
C GLU A 15 14.14 -22.58 5.08
N ILE A 16 13.31 -21.82 4.36
CA ILE A 16 12.43 -22.34 3.30
CA ILE A 16 12.43 -22.35 3.31
C ILE A 16 12.82 -21.72 1.96
N PRO A 17 12.83 -22.51 0.86
CA PRO A 17 13.17 -21.91 -0.44
C PRO A 17 12.14 -20.91 -0.97
N SER A 18 12.65 -19.92 -1.70
CA SER A 18 11.82 -18.98 -2.44
C SER A 18 12.64 -18.47 -3.63
N THR A 19 11.94 -17.78 -4.52
CA THR A 19 12.59 -17.13 -5.65
C THR A 19 12.76 -15.66 -5.31
N LYS A 20 13.99 -15.28 -5.01
CA LYS A 20 14.33 -13.97 -4.48
C LYS A 20 14.45 -12.92 -5.57
N VAL A 21 13.82 -11.78 -5.30
CA VAL A 21 13.81 -10.62 -6.16
C VAL A 21 14.63 -9.47 -5.58
N TYR A 22 14.68 -9.39 -4.26
CA TYR A 22 15.43 -8.35 -3.57
C TYR A 22 15.86 -8.87 -2.21
N GLU A 23 17.02 -8.47 -1.74
CA GLU A 23 17.37 -8.69 -0.36
C GLU A 23 18.37 -7.63 0.11
N ASP A 24 18.15 -7.12 1.30
CA ASP A 24 19.14 -6.35 2.03
C ASP A 24 19.10 -6.81 3.49
N ASP A 25 19.70 -6.04 4.40
CA ASP A 25 19.75 -6.44 5.79
C ASP A 25 18.41 -6.45 6.51
N ARG A 26 17.39 -5.81 5.93
CA ARG A 26 16.09 -5.51 6.59
CA ARG A 26 16.16 -5.81 6.68
C ARG A 26 14.89 -6.12 5.89
N VAL A 27 14.96 -6.30 4.57
CA VAL A 27 13.81 -6.61 3.73
C VAL A 27 14.21 -7.68 2.73
N LEU A 28 13.27 -8.55 2.43
CA LEU A 28 13.38 -9.53 1.37
C LEU A 28 12.14 -9.40 0.48
N ALA A 29 12.33 -9.57 -0.82
CA ALA A 29 11.21 -9.68 -1.75
C ALA A 29 11.36 -10.95 -2.53
N PHE A 30 10.25 -11.62 -2.81
CA PHE A 30 10.27 -12.90 -3.46
C PHE A 30 8.97 -13.09 -4.24
N ASN A 31 8.99 -13.96 -5.23
CA ASN A 31 7.78 -14.16 -6.01
C ASN A 31 6.69 -14.87 -5.23
N ASP A 32 5.46 -14.48 -5.45
CA ASP A 32 4.35 -15.15 -4.83
C ASP A 32 4.25 -16.55 -5.43
N LEU A 33 3.98 -17.55 -4.59
CA LEU A 33 3.83 -18.94 -5.04
C LEU A 33 2.64 -19.11 -6.00
N ASN A 34 1.62 -18.27 -5.84
CA ASN A 34 0.36 -18.37 -6.59
C ASN A 34 0.08 -17.03 -7.28
N PRO A 35 0.89 -16.69 -8.30
CA PRO A 35 0.79 -15.31 -8.84
C PRO A 35 -0.46 -14.99 -9.58
N VAL A 36 -0.95 -13.77 -9.41
CA VAL A 36 -2.11 -13.30 -10.18
C VAL A 36 -1.76 -12.29 -11.30
N ALA A 37 -0.48 -12.03 -11.50
CA ALA A 37 -0.03 -11.14 -12.57
C ALA A 37 1.38 -11.59 -12.97
N PRO A 38 1.87 -11.12 -14.13
CA PRO A 38 3.20 -11.56 -14.58
C PRO A 38 4.29 -11.23 -13.60
N TYR A 39 4.21 -10.07 -12.96
CA TYR A 39 4.98 -9.79 -11.75
C TYR A 39 3.98 -9.83 -10.59
N HIS A 40 4.20 -10.75 -9.66
CA HIS A 40 3.45 -10.81 -8.40
C HIS A 40 4.49 -11.09 -7.34
N ILE A 41 4.91 -10.01 -6.69
CA ILE A 41 6.06 -10.02 -5.80
C ILE A 41 5.60 -9.66 -4.39
N LEU A 42 6.11 -10.39 -3.40
CA LEU A 42 5.86 -10.10 -2.00
C LEU A 42 7.09 -9.41 -1.42
N VAL A 43 6.87 -8.29 -0.74
CA VAL A 43 7.94 -7.55 -0.09
C VAL A 43 7.71 -7.61 1.40
N VAL A 44 8.66 -8.14 2.17
CA VAL A 44 8.46 -8.38 3.61
C VAL A 44 9.65 -7.89 4.42
N PRO A 45 9.38 -7.36 5.62
CA PRO A 45 10.49 -7.16 6.53
CA PRO A 45 10.49 -7.16 6.55
C PRO A 45 10.97 -8.51 7.01
N LYS A 46 12.26 -8.60 7.30
CA LYS A 46 12.78 -9.78 7.97
C LYS A 46 12.24 -9.89 9.40
N LYS A 47 12.07 -8.75 10.07
CA LYS A 47 11.42 -8.71 11.39
C LYS A 47 9.95 -9.07 11.24
N HIS A 48 9.43 -9.88 12.14
CA HIS A 48 8.02 -10.25 12.15
C HIS A 48 7.16 -9.21 12.85
N TYR A 49 6.19 -8.69 12.11
CA TYR A 49 5.04 -7.96 12.63
C TYR A 49 3.81 -8.70 12.15
N ASP A 50 2.79 -8.87 12.99
CA ASP A 50 1.66 -9.66 12.58
C ASP A 50 0.89 -9.01 11.41
N SER A 51 0.84 -7.68 11.39
CA SER A 51 0.04 -6.92 10.42
C SER A 51 0.40 -5.44 10.56
N LEU A 52 -0.14 -4.64 9.66
CA LEU A 52 0.10 -3.20 9.67
C LEU A 52 -0.29 -2.55 11.02
N ILE A 53 -1.39 -2.97 11.61
CA ILE A 53 -1.81 -2.34 12.87
C ILE A 53 -0.92 -2.70 14.05
N ASP A 54 -0.05 -3.68 13.89
CA ASP A 54 0.87 -4.08 14.93
C ASP A 54 2.22 -3.35 14.84
N ILE A 55 2.37 -2.47 13.87
CA ILE A 55 3.60 -1.69 13.78
C ILE A 55 3.41 -0.41 14.61
N PRO A 56 4.23 -0.21 15.65
CA PRO A 56 4.11 1.06 16.38
C PRO A 56 4.42 2.24 15.50
N ASP A 57 3.82 3.40 15.78
CA ASP A 57 4.07 4.58 14.96
C ASP A 57 5.56 4.82 14.77
N LYS A 58 6.35 4.68 15.84
CA LYS A 58 7.75 5.04 15.78
C LYS A 58 8.57 4.05 14.91
N GLU A 59 7.99 2.93 14.51
CA GLU A 59 8.64 1.94 13.64
C GLU A 59 8.07 1.95 12.23
N MET A 60 7.24 2.92 11.90
CA MET A 60 6.58 2.90 10.60
C MET A 60 7.53 3.16 9.45
N ASP A 61 8.76 3.56 9.72
CA ASP A 61 9.75 3.71 8.69
CA ASP A 61 9.76 3.71 8.70
C ASP A 61 10.02 2.39 7.94
N ILE A 62 9.69 1.23 8.51
CA ILE A 62 9.84 0.01 7.74
C ILE A 62 8.97 0.07 6.49
N VAL A 63 7.81 0.72 6.58
CA VAL A 63 6.92 0.84 5.42
C VAL A 63 7.55 1.76 4.35
N SER A 64 8.22 2.84 4.74
CA SER A 64 8.89 3.67 3.77
C SER A 64 10.03 2.88 3.09
N HIS A 65 10.78 2.10 3.87
CA HIS A 65 11.84 1.33 3.26
C HIS A 65 11.27 0.30 2.28
N ILE A 66 10.17 -0.35 2.65
CA ILE A 66 9.52 -1.26 1.73
C ILE A 66 9.15 -0.57 0.42
N HIS A 67 8.66 0.67 0.51
CA HIS A 67 8.29 1.41 -0.70
C HIS A 67 9.50 1.84 -1.56
N VAL A 68 10.63 2.19 -0.94
CA VAL A 68 11.85 2.39 -1.72
C VAL A 68 12.19 1.10 -2.48
N VAL A 69 12.10 -0.05 -1.80
CA VAL A 69 12.37 -1.33 -2.43
C VAL A 69 11.42 -1.60 -3.61
N ILE A 70 10.12 -1.33 -3.41
CA ILE A 70 9.16 -1.51 -4.48
C ILE A 70 9.59 -0.70 -5.71
N ASN A 71 9.90 0.58 -5.50
CA ASN A 71 10.28 1.42 -6.62
C ASN A 71 11.59 0.95 -7.28
N LYS A 72 12.54 0.46 -6.47
CA LYS A 72 13.79 -0.05 -7.03
C LYS A 72 13.53 -1.25 -7.93
N ILE A 73 12.65 -2.15 -7.50
CA ILE A 73 12.31 -3.32 -8.30
C ILE A 73 11.60 -2.87 -9.58
N ALA A 74 10.65 -1.95 -9.45
CA ALA A 74 9.93 -1.44 -10.62
C ALA A 74 10.90 -0.89 -11.66
N LYS A 75 11.86 -0.09 -11.20
CA LYS A 75 12.82 0.54 -12.13
C LYS A 75 13.71 -0.48 -12.81
N GLU A 76 14.17 -1.47 -12.08
CA GLU A 76 15.00 -2.52 -12.65
CA GLU A 76 15.05 -2.45 -12.72
C GLU A 76 14.24 -3.31 -13.70
N LYS A 77 12.99 -3.65 -13.40
CA LYS A 77 12.19 -4.56 -14.23
CA LYS A 77 12.24 -4.56 -14.26
C LYS A 77 11.45 -3.88 -15.37
N GLY A 78 11.37 -2.55 -15.35
CA GLY A 78 10.70 -1.79 -16.40
C GLY A 78 9.24 -1.46 -16.17
N PHE A 79 8.67 -1.99 -15.10
CA PHE A 79 7.28 -1.67 -14.84
C PHE A 79 7.09 -0.34 -14.12
N ASP A 80 8.19 0.38 -13.87
CA ASP A 80 8.08 1.78 -13.53
C ASP A 80 7.34 2.60 -14.59
N GLN A 81 7.55 2.24 -15.86
CA GLN A 81 6.97 2.95 -17.01
C GLN A 81 5.55 2.50 -17.34
N THR A 82 5.28 1.22 -17.11
CA THR A 82 4.00 0.64 -17.51
C THR A 82 2.96 0.71 -16.39
N GLY A 83 3.39 0.65 -15.13
CA GLY A 83 2.50 0.81 -13.99
C GLY A 83 2.45 -0.45 -13.13
N PHE A 84 1.90 -0.30 -11.94
CA PHE A 84 1.86 -1.40 -10.98
C PHE A 84 0.88 -1.05 -9.87
N ARG A 85 0.53 -2.04 -9.06
CA ARG A 85 -0.33 -1.84 -7.91
C ARG A 85 0.35 -2.42 -6.68
N VAL A 86 0.18 -1.71 -5.57
CA VAL A 86 0.73 -2.11 -4.27
C VAL A 86 -0.47 -2.38 -3.34
N ILE A 87 -0.47 -3.54 -2.69
CA ILE A 87 -1.58 -3.94 -1.82
C ILE A 87 -1.04 -4.44 -0.48
N ASN A 88 -1.65 -3.97 0.61
CA ASN A 88 -1.50 -4.57 1.92
C ASN A 88 -2.87 -5.03 2.40
N ASN A 89 -2.93 -6.28 2.85
CA ASN A 89 -4.12 -6.87 3.43
C ASN A 89 -3.92 -6.98 4.94
N CYS A 90 -4.81 -6.35 5.71
CA CYS A 90 -4.67 -6.30 7.15
C CYS A 90 -5.86 -6.97 7.84
N GLY A 91 -5.61 -8.08 8.48
CA GLY A 91 -6.66 -8.77 9.19
C GLY A 91 -7.63 -9.52 8.32
N SER A 92 -8.63 -10.08 8.99
CA SER A 92 -9.52 -11.05 8.35
C SER A 92 -10.28 -10.45 7.19
N ASP A 93 -10.93 -9.33 7.42
CA ASP A 93 -11.75 -8.75 6.40
C ASP A 93 -10.91 -8.09 5.28
N GLY A 94 -9.65 -7.81 5.56
CA GLY A 94 -8.75 -7.34 4.53
C GLY A 94 -8.28 -8.47 3.64
N GLY A 95 -8.57 -9.72 4.02
CA GLY A 95 -8.10 -10.87 3.27
C GLY A 95 -6.70 -11.31 3.60
N GLN A 96 -6.15 -10.87 4.73
CA GLN A 96 -4.82 -11.28 5.13
C GLN A 96 -4.93 -12.72 5.57
N GLU A 97 -4.01 -13.51 5.04
CA GLU A 97 -3.91 -14.93 5.39
C GLU A 97 -2.60 -15.22 6.17
N VAL A 98 -1.49 -14.81 5.58
CA VAL A 98 -0.18 -14.97 6.23
C VAL A 98 0.04 -13.76 7.13
N LYS A 99 0.13 -14.03 8.42
CA LYS A 99 0.16 -12.98 9.44
CA LYS A 99 0.17 -13.00 9.44
C LYS A 99 1.61 -12.57 9.73
N HIS A 100 2.24 -12.06 8.69
CA HIS A 100 3.58 -11.47 8.74
C HIS A 100 3.53 -10.32 7.73
N LEU A 101 3.77 -9.08 8.18
CA LEU A 101 3.65 -7.91 7.31
C LEU A 101 4.22 -8.18 5.93
N HIS A 102 3.43 -7.89 4.91
CA HIS A 102 3.88 -8.03 3.53
C HIS A 102 3.10 -7.13 2.64
N TYR A 103 3.76 -6.68 1.58
CA TYR A 103 3.13 -5.92 0.52
C TYR A 103 3.19 -6.73 -0.75
N HIS A 104 2.09 -6.77 -1.47
CA HIS A 104 2.02 -7.33 -2.81
C HIS A 104 2.31 -6.25 -3.83
N ILE A 105 3.16 -6.59 -4.81
CA ILE A 105 3.32 -5.78 -6.02
C ILE A 105 2.73 -6.60 -7.17
N LEU A 106 1.79 -6.02 -7.89
CA LEU A 106 1.24 -6.61 -9.12
C LEU A 106 1.65 -5.74 -10.29
N ALA A 107 2.16 -6.35 -11.37
CA ALA A 107 2.58 -5.55 -12.53
C ALA A 107 2.70 -6.45 -13.76
N GLY A 108 2.96 -5.81 -14.90
CA GLY A 108 3.29 -6.53 -16.13
C GLY A 108 2.09 -6.81 -17.01
N LYS A 109 0.93 -6.29 -16.64
CA LYS A 109 -0.29 -6.40 -17.41
C LYS A 109 -1.23 -5.28 -16.96
N LYS A 110 -2.20 -4.98 -17.80
CA LYS A 110 -3.25 -4.04 -17.41
C LYS A 110 -4.13 -4.72 -16.36
N LEU A 111 -4.08 -4.25 -15.11
CA LEU A 111 -4.73 -4.97 -14.01
C LEU A 111 -6.22 -4.64 -13.96
N PRO A 112 -7.06 -5.64 -13.63
CA PRO A 112 -8.48 -5.35 -13.39
C PRO A 112 -8.69 -4.62 -12.05
N ASN A 113 -9.79 -3.89 -11.90
CA ASN A 113 -10.18 -3.34 -10.60
C ASN A 113 -10.96 -4.41 -9.86
N TYR A 114 -10.21 -5.26 -9.17
CA TYR A 114 -10.78 -6.43 -8.52
C TYR A 114 -11.90 -6.05 -7.56
N GLU A 115 -11.70 -4.99 -6.75
CA GLU A 115 -12.68 -4.67 -5.71
C GLU A 115 -13.94 -4.05 -6.30
N ALA A 116 -13.87 -3.57 -7.54
CA ALA A 116 -15.08 -3.14 -8.28
C ALA A 116 -15.75 -4.31 -9.03
N GLY A 117 -15.21 -5.51 -8.87
CA GLY A 117 -15.80 -6.71 -9.46
C GLY A 117 -15.12 -7.21 -10.74
N GLN A 118 -14.20 -6.46 -11.30
CA GLN A 118 -13.53 -6.88 -12.53
C GLN A 118 -12.53 -7.98 -12.25
N ASN A 119 -12.42 -8.94 -13.16
CA ASN A 119 -11.44 -10.00 -13.03
C ASN A 119 -10.56 -10.12 -14.28
N MET B 1 4.70 21.27 -3.92
CA MET B 1 3.67 22.34 -3.91
C MET B 1 2.33 21.79 -4.42
N GLU B 2 1.64 22.57 -5.24
CA GLU B 2 0.33 22.18 -5.77
C GLU B 2 0.29 22.28 -7.30
N ARG B 3 -0.69 21.62 -7.90
CA ARG B 3 -0.95 21.72 -9.33
C ARG B 3 -2.32 22.33 -9.54
N MET B 4 -2.38 23.32 -10.41
CA MET B 4 -3.61 24.08 -10.63
CA MET B 4 -3.63 24.06 -10.58
C MET B 4 -4.77 23.22 -11.13
N ASP B 5 -4.46 22.20 -11.92
CA ASP B 5 -5.53 21.40 -12.53
C ASP B 5 -5.83 20.12 -11.77
N CYS B 6 -5.24 19.95 -10.60
CA CYS B 6 -5.32 18.67 -9.89
C CYS B 6 -6.46 18.66 -8.89
N ILE B 7 -7.41 17.75 -9.11
CA ILE B 7 -8.54 17.67 -8.22
C ILE B 7 -8.17 17.33 -6.79
N PHE B 8 -7.13 16.52 -6.58
CA PHE B 8 -6.78 16.17 -5.21
C PHE B 8 -5.96 17.26 -4.52
N CYS B 9 -5.18 18.06 -5.26
CA CYS B 9 -4.59 19.25 -4.66
C CYS B 9 -5.67 20.14 -4.08
N LYS B 10 -6.72 20.32 -4.86
CA LYS B 10 -7.80 21.21 -4.48
CA LYS B 10 -7.81 21.21 -4.49
C LYS B 10 -8.67 20.63 -3.37
N ILE B 11 -8.89 19.32 -3.38
CA ILE B 11 -9.56 18.72 -2.25
C ILE B 11 -8.68 18.85 -0.99
N ALA B 12 -7.39 18.56 -1.12
CA ALA B 12 -6.49 18.53 0.04
C ALA B 12 -6.35 19.93 0.63
N ASN B 13 -6.45 20.98 -0.21
CA ASN B 13 -6.30 22.36 0.25
C ASN B 13 -7.64 23.04 0.50
N GLY B 14 -8.74 22.30 0.34
CA GLY B 14 -10.06 22.78 0.67
C GLY B 14 -10.77 23.60 -0.41
N GLU B 15 -10.21 23.66 -1.60
CA GLU B 15 -10.82 24.45 -2.67
C GLU B 15 -11.92 23.73 -3.43
N ILE B 16 -11.97 22.41 -3.26
CA ILE B 16 -13.05 21.58 -3.81
C ILE B 16 -13.61 20.79 -2.60
N PRO B 17 -14.96 20.73 -2.45
CA PRO B 17 -15.56 20.05 -1.30
C PRO B 17 -15.28 18.54 -1.22
N SER B 18 -15.21 18.06 0.01
CA SER B 18 -15.09 16.63 0.29
C SER B 18 -15.64 16.34 1.69
N THR B 19 -15.78 15.07 2.02
CA THR B 19 -16.15 14.65 3.35
C THR B 19 -14.89 14.14 4.05
N LYS B 20 -14.33 14.98 4.90
CA LYS B 20 -13.05 14.72 5.52
C LYS B 20 -13.18 13.81 6.74
N VAL B 21 -12.24 12.89 6.88
CA VAL B 21 -12.22 12.03 8.06
C VAL B 21 -10.98 12.30 8.93
N TYR B 22 -9.90 12.84 8.37
CA TYR B 22 -8.68 13.14 9.13
CA TYR B 22 -8.71 13.15 9.11
C TYR B 22 -7.91 14.23 8.38
N GLU B 23 -7.29 15.15 9.11
CA GLU B 23 -6.42 16.12 8.48
C GLU B 23 -5.27 16.51 9.39
N ASP B 24 -4.06 16.59 8.85
CA ASP B 24 -2.94 17.20 9.55
C ASP B 24 -2.20 18.06 8.55
N ASP B 25 -1.04 18.56 8.94
CA ASP B 25 -0.32 19.47 8.07
C ASP B 25 0.29 18.82 6.83
N ARG B 26 0.35 17.49 6.80
CA ARG B 26 0.96 16.76 5.70
C ARG B 26 -0.04 15.98 4.83
N VAL B 27 -1.17 15.55 5.41
CA VAL B 27 -2.10 14.70 4.68
C VAL B 27 -3.56 15.07 4.98
N LEU B 28 -4.43 14.70 4.05
CA LEU B 28 -5.88 14.73 4.23
C LEU B 28 -6.43 13.35 3.89
N ALA B 29 -7.41 12.88 4.66
CA ALA B 29 -8.16 11.66 4.33
C ALA B 29 -9.62 12.03 4.17
N PHE B 30 -10.26 11.51 3.13
CA PHE B 30 -11.63 11.86 2.79
C PHE B 30 -12.32 10.68 2.12
N ASN B 31 -13.65 10.63 2.16
CA ASN B 31 -14.35 9.52 1.57
C ASN B 31 -14.29 9.57 0.05
N ASP B 32 -14.15 8.40 -0.55
CA ASP B 32 -14.18 8.28 -2.00
C ASP B 32 -15.59 8.56 -2.53
N LEU B 33 -15.69 9.25 -3.66
CA LEU B 33 -16.95 9.59 -4.31
C LEU B 33 -17.71 8.36 -4.85
N ASN B 34 -16.97 7.29 -5.18
CA ASN B 34 -17.51 6.09 -5.82
C ASN B 34 -17.07 4.86 -5.02
N PRO B 35 -17.61 4.71 -3.80
CA PRO B 35 -17.08 3.67 -2.93
C PRO B 35 -17.31 2.27 -3.42
N VAL B 36 -16.30 1.42 -3.24
CA VAL B 36 -16.41 -0.01 -3.55
C VAL B 36 -16.53 -0.89 -2.32
N ALA B 37 -16.55 -0.27 -1.13
CA ALA B 37 -16.73 -0.97 0.12
C ALA B 37 -17.45 0.00 1.05
N PRO B 38 -17.98 -0.49 2.19
CA PRO B 38 -18.69 0.44 3.08
C PRO B 38 -17.81 1.60 3.57
N TYR B 39 -16.56 1.28 3.92
CA TYR B 39 -15.53 2.29 4.08
CA TYR B 39 -15.52 2.28 4.10
C TYR B 39 -14.67 2.27 2.83
N HIS B 40 -14.55 3.43 2.20
CA HIS B 40 -13.65 3.60 1.08
C HIS B 40 -13.11 5.02 1.23
N ILE B 41 -11.91 5.11 1.84
CA ILE B 41 -11.33 6.37 2.25
C ILE B 41 -10.03 6.56 1.45
N LEU B 42 -9.82 7.76 0.94
CA LEU B 42 -8.58 8.13 0.26
C LEU B 42 -7.72 8.94 1.22
N VAL B 43 -6.43 8.57 1.29
CA VAL B 43 -5.45 9.32 2.07
C VAL B 43 -4.44 9.92 1.10
N VAL B 44 -4.30 11.25 1.12
CA VAL B 44 -3.45 11.94 0.15
C VAL B 44 -2.50 12.88 0.86
N PRO B 45 -1.30 13.07 0.33
CA PRO B 45 -0.48 14.17 0.81
C PRO B 45 -1.02 15.50 0.32
N LYS B 46 -0.78 16.54 1.10
CA LYS B 46 -1.06 17.89 0.64
C LYS B 46 -0.09 18.37 -0.43
N LYS B 47 1.15 17.87 -0.38
CA LYS B 47 2.11 18.08 -1.45
C LYS B 47 1.76 17.19 -2.62
N HIS B 48 1.84 17.74 -3.82
CA HIS B 48 1.57 16.98 -5.02
C HIS B 48 2.76 16.13 -5.43
N TYR B 49 2.50 14.83 -5.57
CA TYR B 49 3.34 13.90 -6.30
C TYR B 49 2.43 13.22 -7.32
N ASP B 50 2.91 13.01 -8.55
CA ASP B 50 2.05 12.44 -9.58
C ASP B 50 1.62 11.01 -9.26
N SER B 51 2.52 10.24 -8.63
CA SER B 51 2.33 8.82 -8.40
C SER B 51 3.46 8.34 -7.51
N LEU B 52 3.35 7.10 -7.03
CA LEU B 52 4.34 6.52 -6.17
C LEU B 52 5.72 6.50 -6.83
N ILE B 53 5.77 6.15 -8.11
CA ILE B 53 7.05 5.97 -8.78
C ILE B 53 7.74 7.30 -8.98
N ASP B 54 7.01 8.40 -8.84
CA ASP B 54 7.57 9.75 -8.95
C ASP B 54 8.04 10.34 -7.61
N ILE B 55 7.88 9.63 -6.48
CA ILE B 55 8.40 10.11 -5.20
C ILE B 55 9.89 9.73 -5.14
N PRO B 56 10.79 10.70 -5.00
CA PRO B 56 12.20 10.32 -4.85
C PRO B 56 12.40 9.46 -3.60
N ASP B 57 13.37 8.56 -3.65
CA ASP B 57 13.68 7.74 -2.48
C ASP B 57 13.84 8.61 -1.24
N LYS B 58 14.51 9.75 -1.36
CA LYS B 58 14.80 10.59 -0.20
CA LYS B 58 14.80 10.61 -0.21
C LYS B 58 13.55 11.19 0.45
N GLU B 59 12.41 11.13 -0.25
CA GLU B 59 11.14 11.72 0.21
C GLU B 59 10.11 10.65 0.56
N MET B 60 10.49 9.38 0.50
CA MET B 60 9.52 8.28 0.62
C MET B 60 8.85 8.21 1.99
N ASP B 61 9.36 8.89 3.03
CA ASP B 61 8.68 8.85 4.33
C ASP B 61 7.26 9.47 4.37
N ILE B 62 6.85 10.20 3.33
CA ILE B 62 5.44 10.55 3.23
C ILE B 62 4.54 9.31 3.28
N VAL B 63 5.02 8.19 2.72
CA VAL B 63 4.24 6.95 2.71
C VAL B 63 4.14 6.38 4.14
N SER B 64 5.19 6.46 4.94
CA SER B 64 5.07 6.05 6.34
CA SER B 64 5.12 6.05 6.33
C SER B 64 4.09 6.91 7.10
N HIS B 65 4.12 8.22 6.87
CA HIS B 65 3.17 9.08 7.53
C HIS B 65 1.74 8.76 7.13
N ILE B 66 1.54 8.48 5.85
CA ILE B 66 0.24 8.05 5.42
C ILE B 66 -0.19 6.82 6.20
N HIS B 67 0.71 5.87 6.41
CA HIS B 67 0.36 4.66 7.14
C HIS B 67 0.08 4.88 8.65
N VAL B 68 0.79 5.79 9.30
CA VAL B 68 0.41 6.16 10.66
C VAL B 68 -1.05 6.66 10.67
N VAL B 69 -1.39 7.49 9.71
CA VAL B 69 -2.75 8.02 9.59
C VAL B 69 -3.76 6.90 9.28
N ILE B 70 -3.44 5.98 8.38
CA ILE B 70 -4.33 4.86 8.11
C ILE B 70 -4.66 4.12 9.41
N ASN B 71 -3.65 3.84 10.23
CA ASN B 71 -3.89 3.12 11.48
C ASN B 71 -4.74 3.92 12.43
N LYS B 72 -4.52 5.23 12.48
CA LYS B 72 -5.37 6.09 13.34
C LYS B 72 -6.83 6.03 12.89
N ILE B 73 -7.06 6.09 11.59
CA ILE B 73 -8.42 6.07 11.05
C ILE B 73 -9.08 4.72 11.35
N ALA B 74 -8.36 3.63 11.10
CA ALA B 74 -8.94 2.31 11.35
C ALA B 74 -9.37 2.17 12.81
N LYS B 75 -8.55 2.63 13.74
CA LYS B 75 -8.88 2.53 15.16
CA LYS B 75 -8.86 2.52 15.15
C LYS B 75 -10.06 3.41 15.49
N GLU B 76 -10.04 4.66 15.03
CA GLU B 76 -11.12 5.59 15.37
C GLU B 76 -12.48 5.13 14.82
N LYS B 77 -12.47 4.59 13.61
CA LYS B 77 -13.69 4.13 12.95
C LYS B 77 -14.09 2.69 13.30
N GLY B 78 -13.26 2.02 14.09
CA GLY B 78 -13.64 0.71 14.56
C GLY B 78 -13.58 -0.41 13.54
N PHE B 79 -12.66 -0.30 12.58
CA PHE B 79 -12.44 -1.36 11.62
C PHE B 79 -11.05 -1.96 11.68
N ASP B 80 -10.27 -1.59 12.70
CA ASP B 80 -8.94 -2.16 12.83
C ASP B 80 -8.97 -3.67 13.14
N GLN B 81 -9.91 -4.11 13.98
CA GLN B 81 -9.98 -5.51 14.38
C GLN B 81 -10.72 -6.38 13.37
N THR B 82 -11.70 -5.81 12.68
CA THR B 82 -12.35 -6.54 11.60
C THR B 82 -11.41 -6.72 10.41
N GLY B 83 -10.71 -5.65 10.03
CA GLY B 83 -9.67 -5.70 9.02
C GLY B 83 -9.94 -4.79 7.84
N PHE B 84 -8.91 -4.57 7.03
CA PHE B 84 -9.00 -3.60 5.96
C PHE B 84 -7.91 -3.87 4.94
N ARG B 85 -8.06 -3.24 3.78
CA ARG B 85 -7.09 -3.36 2.68
C ARG B 85 -6.60 -1.97 2.30
N VAL B 86 -5.32 -1.88 1.99
CA VAL B 86 -4.67 -0.63 1.57
C VAL B 86 -4.15 -0.84 0.15
N ILE B 87 -4.49 0.07 -0.76
CA ILE B 87 -4.11 -0.04 -2.17
C ILE B 87 -3.52 1.26 -2.69
N ASN B 88 -2.42 1.14 -3.42
CA ASN B 88 -1.94 2.20 -4.28
C ASN B 88 -1.93 1.71 -5.72
N ASN B 89 -2.58 2.50 -6.59
CA ASN B 89 -2.59 2.26 -8.03
C ASN B 89 -1.61 3.21 -8.69
N CYS B 90 -0.58 2.68 -9.34
CA CYS B 90 0.45 3.51 -9.94
C CYS B 90 0.46 3.36 -11.46
N GLY B 91 0.21 4.46 -12.17
CA GLY B 91 0.32 4.45 -13.62
C GLY B 91 -0.76 3.64 -14.31
N SER B 92 -0.52 3.43 -15.59
CA SER B 92 -1.55 2.91 -16.47
C SER B 92 -1.96 1.49 -16.10
N ASP B 93 -1.00 0.59 -16.01
CA ASP B 93 -1.32 -0.79 -15.69
C ASP B 93 -1.89 -0.92 -14.27
N GLY B 94 -1.49 -0.03 -13.38
CA GLY B 94 -2.02 -0.05 -12.02
C GLY B 94 -3.45 0.41 -11.91
N GLY B 95 -3.97 1.07 -12.94
CA GLY B 95 -5.31 1.58 -12.92
C GLY B 95 -5.45 2.97 -12.33
N GLN B 96 -4.36 3.71 -12.22
CA GLN B 96 -4.41 5.07 -11.68
C GLN B 96 -5.17 5.99 -12.63
N GLU B 97 -6.11 6.74 -12.09
CA GLU B 97 -6.91 7.69 -12.85
C GLU B 97 -6.63 9.14 -12.43
N VAL B 98 -6.46 9.37 -11.15
CA VAL B 98 -6.15 10.70 -10.64
C VAL B 98 -4.68 10.73 -10.29
N LYS B 99 -3.94 11.60 -10.97
CA LYS B 99 -2.47 11.63 -10.89
C LYS B 99 -2.00 12.54 -9.76
N HIS B 100 -2.38 12.15 -8.55
CA HIS B 100 -1.91 12.76 -7.31
C HIS B 100 -1.88 11.60 -6.32
N LEU B 101 -0.72 11.36 -5.70
CA LEU B 101 -0.54 10.22 -4.80
C LEU B 101 -1.72 10.04 -3.86
N HIS B 102 -2.26 8.83 -3.82
CA HIS B 102 -3.34 8.53 -2.91
C HIS B 102 -3.30 7.05 -2.57
N TYR B 103 -3.69 6.76 -1.33
CA TYR B 103 -3.89 5.40 -0.88
C TYR B 103 -5.37 5.18 -0.60
N HIS B 104 -5.91 4.09 -1.11
CA HIS B 104 -7.25 3.65 -0.83
C HIS B 104 -7.23 2.80 0.44
N ILE B 105 -8.15 3.09 1.36
CA ILE B 105 -8.43 2.23 2.51
C ILE B 105 -9.83 1.67 2.29
N LEU B 106 -9.92 0.34 2.19
CA LEU B 106 -11.20 -0.36 1.99
C LEU B 106 -11.48 -1.18 3.25
N ALA B 107 -12.70 -1.05 3.80
CA ALA B 107 -13.02 -1.77 5.01
C ALA B 107 -14.53 -1.91 5.15
N GLY B 108 -14.92 -2.60 6.22
CA GLY B 108 -16.33 -2.75 6.58
C GLY B 108 -17.02 -3.95 5.97
N LYS B 109 -16.36 -4.69 5.08
CA LYS B 109 -16.86 -5.98 4.61
C LYS B 109 -15.67 -6.89 4.37
N LYS B 110 -15.91 -8.19 4.22
CA LYS B 110 -14.86 -9.11 3.80
C LYS B 110 -14.61 -8.88 2.31
N LEU B 111 -13.39 -8.49 2.00
CA LEU B 111 -13.05 -8.08 0.63
C LEU B 111 -12.72 -9.23 -0.32
N PRO B 112 -12.83 -9.03 -1.65
CA PRO B 112 -12.57 -10.22 -2.48
C PRO B 112 -11.11 -10.64 -2.46
N ASN B 113 -10.83 -11.94 -2.59
N ASN B 113 -10.83 -11.94 -2.58
CA ASN B 113 -9.45 -12.40 -2.66
CA ASN B 113 -9.43 -12.37 -2.64
C ASN B 113 -9.07 -12.66 -4.10
C ASN B 113 -9.07 -12.66 -4.09
N TYR B 114 -7.96 -12.08 -4.57
CA TYR B 114 -7.60 -12.20 -5.98
C TYR B 114 -7.24 -13.64 -6.31
N GLU B 115 -7.87 -14.18 -7.36
CA GLU B 115 -7.63 -15.56 -7.75
C GLU B 115 -7.27 -15.66 -9.22
#